data_6BIR
#
_entry.id   6BIR
#
_cell.length_a   67.460
_cell.length_b   183.010
_cell.length_c   77.080
_cell.angle_alpha   90.000
_cell.angle_beta   90.000
_cell.angle_gamma   90.000
#
_symmetry.space_group_name_H-M   'C 2 2 21'
#
loop_
_entity.id
_entity.type
_entity.pdbx_description
1 polymer 'HLA class II histocompatibility antigen, DR alpha chain'
2 polymer 'MHC class II antigen'
3 polymer 'Vimentin 424Cit419-431'
4 non-polymer 2-acetamido-2-deoxy-beta-D-glucopyranose
5 water water
#
loop_
_entity_poly.entity_id
_entity_poly.type
_entity_poly.pdbx_seq_one_letter_code
_entity_poly.pdbx_strand_id
1 'polypeptide(L)'
;IKEEHVIIQAEFYLNPDQSGEFMFDFDGDEIFHVDMAKKETVWRLEEFGRFASFEAQGALANIAVDKANLEIMTKRSNYT
PITNVPPEVTVLTNSPVELREPNVLICFIDKFTPPVVNVTWLRNGKPVTTGVSETVFLPREDHLFRKFHYLPFLPSTEDV
YDCRVEHWGLDEPLLKHWEFDTSGDDDDK
;
A
2 'polypeptide(L)'
;GSGDTRPRFLEQVKHECHFFNGTERVRFLDRYFYHQEEYVRFDSDVGEYRAVTELGRPSAEYWNSQKDLLEQRRAAVDTY
CRHNYGVGESFTVQRRVYPEVTVYPAKTQPLQHHNLLVCSVNGFYPGSIEVRWFRNGQEEKTGVVSTGLIQNGDWTFQTL
VMLETVPRSGEVYTCQVEHPSLTSPLTVEWRATGGDDDDK
;
B
3 'polypeptide(L)' SSLNL(CIR)ETNLDSL C
#
loop_
_chem_comp.id
_chem_comp.type
_chem_comp.name
_chem_comp.formula
NAG D-saccharide, beta linking 2-acetamido-2-deoxy-beta-D-glucopyranose 'C8 H15 N O6'
#
# COMPACT_ATOMS: atom_id res chain seq x y z
N GLU A 4 5.99 -6.21 -14.53
CA GLU A 4 4.71 -6.92 -14.47
C GLU A 4 4.21 -7.25 -13.03
N HIS A 5 5.00 -7.93 -12.20
CA HIS A 5 4.61 -8.15 -10.81
C HIS A 5 5.82 -8.04 -9.90
N VAL A 6 5.58 -7.59 -8.67
CA VAL A 6 6.64 -7.33 -7.70
C VAL A 6 6.19 -7.83 -6.34
N ILE A 7 6.97 -8.72 -5.74
CA ILE A 7 6.76 -9.17 -4.36
C ILE A 7 7.92 -8.64 -3.53
N ILE A 8 7.60 -7.93 -2.44
CA ILE A 8 8.62 -7.34 -1.57
C ILE A 8 8.42 -7.84 -0.15
N GLN A 9 9.50 -8.32 0.45
CA GLN A 9 9.60 -8.52 1.89
C GLN A 9 10.21 -7.24 2.47
N ALA A 10 9.42 -6.46 3.19
CA ALA A 10 9.86 -5.17 3.70
C ALA A 10 9.95 -5.19 5.21
N GLU A 11 11.06 -4.70 5.74
CA GLU A 11 11.31 -4.68 7.18
C GLU A 11 11.66 -3.26 7.59
N PHE A 12 11.34 -2.90 8.83
CA PHE A 12 11.96 -1.69 9.37
C PHE A 12 12.12 -1.82 10.87
N TYR A 13 12.94 -0.94 11.41
CA TYR A 13 13.17 -0.90 12.85
C TYR A 13 13.46 0.55 13.18
N LEU A 14 12.83 1.06 14.22
CA LEU A 14 12.81 2.48 14.53
C LEU A 14 13.34 2.73 15.94
N ASN A 15 14.42 3.52 16.06
CA ASN A 15 14.87 4.03 17.36
C ASN A 15 14.44 5.48 17.55
N PRO A 16 14.13 5.91 18.79
CA PRO A 16 14.26 5.17 20.05
C PRO A 16 13.00 4.42 20.43
N ASP A 17 12.03 4.39 19.52
CA ASP A 17 10.75 3.76 19.81
C ASP A 17 10.86 2.25 19.95
N GLN A 18 11.95 1.66 19.43
CA GLN A 18 12.14 0.20 19.38
C GLN A 18 10.96 -0.50 18.71
N SER A 19 10.39 0.15 17.68
CA SER A 19 9.33 -0.43 16.86
C SER A 19 9.91 -1.12 15.63
N GLY A 20 9.39 -2.31 15.34
CA GLY A 20 9.78 -3.03 14.16
C GLY A 20 8.57 -3.44 13.35
N GLU A 21 8.83 -3.80 12.10
CA GLU A 21 7.75 -4.32 11.28
C GLU A 21 8.33 -5.27 10.24
N PHE A 22 7.54 -6.27 9.90
CA PHE A 22 7.95 -7.27 8.92
C PHE A 22 6.73 -7.62 8.10
N MET A 23 6.78 -7.42 6.78
CA MET A 23 5.60 -7.72 5.98
C MET A 23 5.98 -8.07 4.54
N PHE A 24 5.09 -8.79 3.88
CA PHE A 24 5.16 -9.04 2.45
C PHE A 24 4.13 -8.18 1.75
N ASP A 25 4.49 -7.73 0.56
CA ASP A 25 3.72 -6.79 -0.24
C ASP A 25 3.70 -7.37 -1.64
N PHE A 26 2.53 -7.37 -2.28
CA PHE A 26 2.37 -7.82 -3.65
C PHE A 26 1.73 -6.70 -4.45
N ASP A 27 2.47 -6.16 -5.43
CA ASP A 27 1.97 -5.04 -6.24
C ASP A 27 1.41 -3.90 -5.37
N GLY A 28 1.98 -3.69 -4.18
CA GLY A 28 1.53 -2.62 -3.32
C GLY A 28 0.39 -2.95 -2.38
N ASP A 29 -0.03 -4.20 -2.29
CA ASP A 29 -1.00 -4.63 -1.28
C ASP A 29 -0.34 -5.57 -0.29
N GLU A 30 -0.80 -5.53 0.95
CA GLU A 30 -0.19 -6.34 1.99
C GLU A 30 -0.69 -7.77 1.90
N ILE A 31 0.25 -8.73 1.79
CA ILE A 31 -0.12 -10.14 1.89
C ILE A 31 -0.31 -10.54 3.35
N PHE A 32 0.67 -10.19 4.20
CA PHE A 32 0.61 -10.46 5.62
C PHE A 32 1.65 -9.63 6.32
N HIS A 33 1.53 -9.54 7.64
CA HIS A 33 2.59 -9.01 8.48
C HIS A 33 2.69 -9.88 9.73
N VAL A 34 3.76 -9.69 10.49
CA VAL A 34 4.03 -10.48 11.68
C VAL A 34 3.82 -9.59 12.88
N ASP A 35 2.81 -9.90 13.69
CA ASP A 35 2.62 -9.20 14.96
C ASP A 35 3.82 -9.50 15.85
N MET A 36 4.57 -8.46 16.19
CA MET A 36 5.82 -8.65 16.93
C MET A 36 5.55 -9.12 18.36
N ALA A 37 4.56 -8.53 19.03
CA ALA A 37 4.23 -8.93 20.40
C ALA A 37 3.71 -10.36 20.47
N LYS A 38 2.68 -10.68 19.72
CA LYS A 38 2.12 -12.03 19.77
C LYS A 38 2.95 -13.06 18.99
N LYS A 39 3.94 -12.62 18.21
CA LYS A 39 4.80 -13.52 17.45
C LYS A 39 3.99 -14.43 16.52
N GLU A 40 3.05 -13.81 15.78
CA GLU A 40 2.12 -14.54 14.94
C GLU A 40 2.05 -13.91 13.55
N THR A 41 1.78 -14.73 12.55
CA THR A 41 1.48 -14.25 11.21
C THR A 41 0.04 -13.75 11.13
N VAL A 42 -0.16 -12.55 10.57
CA VAL A 42 -1.48 -11.94 10.47
C VAL A 42 -1.77 -11.74 8.98
N TRP A 43 -2.61 -12.60 8.42
CA TRP A 43 -2.95 -12.49 7.01
C TRP A 43 -3.88 -11.30 6.78
N ARG A 44 -3.60 -10.54 5.71
CA ARG A 44 -4.40 -9.34 5.44
C ARG A 44 -5.83 -9.70 5.06
N LEU A 45 -6.00 -10.76 4.28
CA LEU A 45 -7.31 -11.38 4.05
C LEU A 45 -7.25 -12.80 4.56
N GLU A 46 -8.30 -13.22 5.30
CA GLU A 46 -8.34 -14.56 5.89
C GLU A 46 -8.06 -15.64 4.85
N GLU A 47 -8.59 -15.50 3.63
CA GLU A 47 -8.45 -16.55 2.65
C GLU A 47 -6.98 -16.85 2.33
N PHE A 48 -6.08 -15.87 2.52
CA PHE A 48 -4.67 -16.11 2.21
C PHE A 48 -4.09 -17.21 3.08
N GLY A 49 -4.50 -17.25 4.36
CA GLY A 49 -3.98 -18.20 5.31
C GLY A 49 -4.39 -19.63 5.08
N ARG A 50 -5.24 -19.90 4.11
CA ARG A 50 -5.62 -21.27 3.81
C ARG A 50 -4.93 -21.81 2.56
N PHE A 51 -4.17 -20.99 1.84
CA PHE A 51 -3.33 -21.47 0.74
C PHE A 51 -1.85 -21.35 1.02
N ALA A 52 -1.45 -20.52 1.97
CA ALA A 52 -0.05 -20.28 2.26
C ALA A 52 0.14 -20.30 3.76
N SER A 53 1.38 -20.57 4.16
CA SER A 53 1.78 -20.52 5.55
C SER A 53 3.06 -19.72 5.66
N PHE A 54 3.31 -19.21 6.86
CA PHE A 54 4.58 -18.52 7.10
C PHE A 54 5.00 -18.75 8.54
N GLU A 55 6.26 -19.11 8.73
CA GLU A 55 6.83 -19.32 10.05
C GLU A 55 7.24 -17.96 10.61
N ALA A 56 6.44 -17.44 11.54
CA ALA A 56 6.66 -16.10 12.05
C ALA A 56 7.95 -15.94 12.81
N GLN A 57 8.54 -17.04 13.30
CA GLN A 57 9.74 -16.92 14.11
C GLN A 57 10.86 -16.29 13.34
N GLY A 58 11.04 -16.69 12.08
CA GLY A 58 12.13 -16.18 11.28
C GLY A 58 12.09 -14.68 11.13
N ALA A 59 10.89 -14.11 11.06
CA ALA A 59 10.77 -12.66 11.00
C ALA A 59 11.40 -12.01 12.21
N LEU A 60 11.15 -12.55 13.40
CA LEU A 60 11.73 -11.96 14.62
C LEU A 60 13.24 -11.94 14.55
N ALA A 61 13.83 -12.98 13.95
CA ALA A 61 15.28 -12.99 13.78
C ALA A 61 15.73 -11.85 12.87
N ASN A 62 15.03 -11.64 11.75
CA ASN A 62 15.38 -10.55 10.84
C ASN A 62 15.30 -9.18 11.51
N ILE A 63 14.29 -8.99 12.37
CA ILE A 63 14.15 -7.71 13.06
C ILE A 63 15.31 -7.49 14.03
N ALA A 64 15.78 -8.58 14.66
CA ALA A 64 16.91 -8.48 15.56
C ALA A 64 18.18 -8.03 14.84
N VAL A 65 18.41 -8.52 13.62
CA VAL A 65 19.52 -8.02 12.80
C VAL A 65 19.28 -6.56 12.40
N ASP A 66 18.05 -6.24 11.97
CA ASP A 66 17.71 -4.86 11.65
C ASP A 66 18.06 -3.92 12.81
N LYS A 67 17.72 -4.32 14.04
CA LYS A 67 18.06 -3.50 15.21
C LYS A 67 19.57 -3.33 15.33
N ALA A 68 20.33 -4.43 15.21
CA ALA A 68 21.77 -4.35 15.27
C ALA A 68 22.32 -3.46 14.16
N ASN A 69 21.83 -3.64 12.93
CA ASN A 69 22.32 -2.81 11.83
C ASN A 69 21.97 -1.34 12.06
N LEU A 70 20.79 -1.05 12.59
CA LEU A 70 20.47 0.35 12.84
C LEU A 70 21.48 0.99 13.77
N GLU A 71 21.89 0.28 14.84
CA GLU A 71 22.95 0.79 15.70
C GLU A 71 24.21 1.06 14.89
N ILE A 72 24.58 0.15 14.01
CA ILE A 72 25.80 0.32 13.23
C ILE A 72 25.67 1.52 12.29
N MET A 73 24.57 1.59 11.53
CA MET A 73 24.41 2.68 10.57
C MET A 73 24.22 4.04 11.25
N THR A 74 23.58 4.06 12.42
CA THR A 74 23.50 5.30 13.18
C THR A 74 24.87 5.86 13.46
N LYS A 75 25.78 5.03 14.00
CA LYS A 75 27.15 5.49 14.23
C LYS A 75 27.81 5.93 12.93
N ARG A 76 27.60 5.17 11.87
CA ARG A 76 28.26 5.47 10.60
C ARG A 76 27.85 6.84 10.10
N SER A 77 26.59 7.22 10.32
CA SER A 77 26.08 8.52 9.87
C SER A 77 26.39 9.64 10.83
N ASN A 78 27.21 9.40 11.87
CA ASN A 78 27.45 10.39 12.93
C ASN A 78 26.13 10.83 13.57
N TYR A 79 25.26 9.85 13.82
CA TYR A 79 23.98 10.09 14.50
C TYR A 79 23.13 11.12 13.77
N THR A 80 23.10 11.06 12.44
CA THR A 80 22.22 11.94 11.67
C THR A 80 20.79 11.40 11.70
N PRO A 81 19.84 12.12 12.28
CA PRO A 81 18.47 11.60 12.46
C PRO A 81 17.63 11.75 11.20
N ILE A 82 16.46 11.12 11.25
CA ILE A 82 15.54 11.22 10.12
C ILE A 82 14.93 12.62 10.07
N THR A 83 14.51 13.05 8.89
CA THR A 83 13.73 14.27 8.73
C THR A 83 12.26 13.89 8.61
N ASN A 84 11.42 14.49 9.46
CA ASN A 84 9.99 14.21 9.43
C ASN A 84 9.39 14.65 8.10
N VAL A 85 8.61 13.78 7.47
CA VAL A 85 7.86 14.10 6.27
C VAL A 85 6.36 13.99 6.62
N PRO A 86 5.62 15.11 6.61
CA PRO A 86 4.24 15.06 7.09
C PRO A 86 3.32 14.35 6.11
N PRO A 87 2.26 13.73 6.60
CA PRO A 87 1.36 12.97 5.72
C PRO A 87 0.34 13.84 5.01
N GLU A 88 -0.15 13.31 3.89
CA GLU A 88 -1.31 13.83 3.19
C GLU A 88 -2.46 12.89 3.48
N VAL A 89 -3.62 13.45 3.82
CA VAL A 89 -4.72 12.67 4.34
C VAL A 89 -5.95 12.88 3.46
N THR A 90 -6.61 11.77 3.13
CA THR A 90 -7.82 11.73 2.33
C THR A 90 -8.85 10.88 3.08
N VAL A 91 -10.09 11.34 3.11
CA VAL A 91 -11.20 10.55 3.65
C VAL A 91 -12.13 10.21 2.49
N LEU A 92 -12.44 8.93 2.33
CA LEU A 92 -13.35 8.51 1.27
C LEU A 92 -14.24 7.39 1.79
N THR A 93 -15.29 7.09 1.03
CA THR A 93 -16.16 5.97 1.37
C THR A 93 -15.80 4.78 0.50
N ASN A 94 -16.10 3.60 1.03
CA ASN A 94 -15.91 2.35 0.29
C ASN A 94 -16.75 2.31 -0.98
N SER A 95 -17.92 2.94 -0.97
CA SER A 95 -18.90 2.77 -2.03
C SER A 95 -19.88 3.94 -1.96
N PRO A 96 -20.62 4.21 -3.03
CA PRO A 96 -21.54 5.36 -3.01
C PRO A 96 -22.47 5.31 -1.81
N VAL A 97 -22.73 6.47 -1.24
CA VAL A 97 -23.37 6.55 0.07
C VAL A 97 -24.88 6.61 -0.12
N GLU A 98 -25.58 5.66 0.47
CA GLU A 98 -27.03 5.68 0.56
C GLU A 98 -27.44 5.79 2.01
N LEU A 99 -28.40 6.67 2.29
CA LEU A 99 -28.94 6.76 3.64
C LEU A 99 -29.40 5.38 4.10
N ARG A 100 -29.10 5.07 5.37
CA ARG A 100 -29.53 3.86 6.06
C ARG A 100 -28.88 2.58 5.55
N GLU A 101 -28.01 2.62 4.49
CA GLU A 101 -27.34 1.39 4.08
C GLU A 101 -25.88 1.41 4.52
N PRO A 102 -25.42 0.39 5.23
CA PRO A 102 -24.09 0.45 5.84
C PRO A 102 -22.99 0.65 4.81
N ASN A 103 -21.91 1.30 5.27
CA ASN A 103 -20.82 1.73 4.41
C ASN A 103 -19.58 1.79 5.28
N VAL A 104 -18.43 2.10 4.67
CA VAL A 104 -17.18 2.19 5.40
C VAL A 104 -16.53 3.51 5.02
N LEU A 105 -16.20 4.31 6.03
CA LEU A 105 -15.29 5.44 5.84
C LEU A 105 -13.86 4.93 5.83
N ILE A 106 -13.07 5.45 4.91
CA ILE A 106 -11.66 5.11 4.79
C ILE A 106 -10.85 6.37 4.97
N CYS A 107 -9.94 6.35 5.93
CA CYS A 107 -8.99 7.44 6.11
C CYS A 107 -7.65 6.97 5.59
N PHE A 108 -7.15 7.66 4.56
CA PHE A 108 -5.95 7.26 3.84
C PHE A 108 -4.83 8.24 4.22
N ILE A 109 -3.80 7.74 4.90
CA ILE A 109 -2.68 8.55 5.35
C ILE A 109 -1.47 8.16 4.50
N ASP A 110 -0.93 9.12 3.75
CA ASP A 110 0.02 8.79 2.69
C ASP A 110 1.28 9.64 2.76
N LYS A 111 2.40 9.02 2.34
CA LYS A 111 3.60 9.77 1.96
C LYS A 111 4.25 10.44 3.16
N PHE A 112 4.44 9.67 4.24
CA PHE A 112 4.99 10.23 5.46
C PHE A 112 6.09 9.34 6.04
N THR A 113 6.88 9.93 6.92
CA THR A 113 7.89 9.23 7.70
C THR A 113 8.31 10.17 8.82
N PRO A 114 8.75 9.63 9.98
CA PRO A 114 8.85 8.21 10.38
C PRO A 114 7.50 7.53 10.53
N PRO A 115 7.49 6.17 10.53
CA PRO A 115 6.21 5.43 10.66
C PRO A 115 5.67 5.44 12.08
N VAL A 116 5.22 6.62 12.52
CA VAL A 116 4.59 6.84 13.82
C VAL A 116 3.48 7.86 13.61
N VAL A 117 2.27 7.56 14.04
CA VAL A 117 1.12 8.41 13.75
C VAL A 117 0.02 8.12 14.76
N ASN A 118 -0.71 9.17 15.17
CA ASN A 118 -1.91 9.02 15.99
C ASN A 118 -3.13 9.38 15.13
N VAL A 119 -4.05 8.43 14.97
CA VAL A 119 -5.20 8.58 14.11
C VAL A 119 -6.47 8.44 14.95
N THR A 120 -7.36 9.41 14.85
CA THR A 120 -8.59 9.35 15.62
C THR A 120 -9.76 9.64 14.70
N TRP A 121 -10.76 8.76 14.75
CA TRP A 121 -12.06 9.01 14.13
C TRP A 121 -12.95 9.81 15.08
N LEU A 122 -13.57 10.85 14.57
CA LEU A 122 -14.49 11.68 15.33
C LEU A 122 -15.86 11.66 14.66
N ARG A 123 -16.91 11.35 15.43
CA ARG A 123 -18.28 11.52 14.99
C ARG A 123 -18.88 12.66 15.79
N ASN A 124 -19.33 13.71 15.09
CA ASN A 124 -19.83 14.93 15.71
C ASN A 124 -18.85 15.39 16.79
N GLY A 125 -17.59 15.44 16.40
CA GLY A 125 -16.54 15.95 17.25
C GLY A 125 -16.16 15.10 18.43
N LYS A 126 -16.55 13.81 18.46
CA LYS A 126 -16.19 12.92 19.57
C LYS A 126 -15.47 11.67 19.10
N PRO A 127 -14.40 11.27 19.78
CA PRO A 127 -13.67 10.05 19.38
C PRO A 127 -14.57 8.82 19.34
N VAL A 128 -14.44 8.06 18.26
CA VAL A 128 -15.14 6.80 18.06
C VAL A 128 -14.13 5.67 18.21
N THR A 129 -14.61 4.54 18.69
CA THR A 129 -13.82 3.32 18.93
C THR A 129 -14.46 2.10 18.32
N THR A 130 -15.77 2.02 18.34
CA THR A 130 -16.47 0.79 18.01
C THR A 130 -16.29 0.44 16.55
N GLY A 131 -15.75 -0.75 16.30
CA GLY A 131 -15.71 -1.27 14.95
C GLY A 131 -14.60 -0.73 14.08
N VAL A 132 -13.71 0.12 14.60
CA VAL A 132 -12.63 0.63 13.77
C VAL A 132 -11.59 -0.46 13.54
N SER A 133 -10.87 -0.34 12.44
CA SER A 133 -9.73 -1.20 12.16
C SER A 133 -8.70 -0.39 11.38
N GLU A 134 -7.51 -0.98 11.21
CA GLU A 134 -6.40 -0.26 10.60
C GLU A 134 -5.40 -1.24 10.03
N THR A 135 -4.54 -0.74 9.15
CA THR A 135 -3.42 -1.51 8.63
C THR A 135 -2.14 -1.13 9.36
N VAL A 136 -1.12 -1.97 9.21
CA VAL A 136 0.24 -1.60 9.60
C VAL A 136 0.75 -0.58 8.60
N PHE A 137 2.01 -0.14 8.73
CA PHE A 137 2.55 0.86 7.82
C PHE A 137 2.92 0.19 6.50
N LEU A 138 2.35 0.65 5.45
CA LEU A 138 2.64 0.07 4.15
C LEU A 138 3.78 0.83 3.50
N PRO A 139 4.81 0.16 3.01
CA PRO A 139 5.96 0.87 2.43
C PRO A 139 5.62 1.43 1.05
N ARG A 140 6.28 2.54 0.70
CA ARG A 140 6.14 3.16 -0.61
C ARG A 140 7.41 2.97 -1.42
N GLU A 141 7.31 3.20 -2.74
CA GLU A 141 8.49 3.05 -3.59
C GLU A 141 9.48 4.17 -3.41
N ASP A 142 9.08 5.30 -2.82
CA ASP A 142 10.03 6.33 -2.46
C ASP A 142 10.49 6.19 -1.00
N HIS A 143 10.07 5.12 -0.33
CA HIS A 143 10.57 4.66 0.96
C HIS A 143 10.05 5.48 2.11
N LEU A 144 8.95 6.18 1.88
CA LEU A 144 8.05 6.69 2.89
C LEU A 144 7.02 5.61 3.19
N PHE A 145 5.90 5.97 3.83
CA PHE A 145 4.90 5.00 4.24
C PHE A 145 3.49 5.52 4.01
N ARG A 146 2.55 4.59 4.04
CA ARG A 146 1.14 4.93 3.95
C ARG A 146 0.39 3.94 4.84
N LYS A 147 -0.86 4.28 5.16
CA LYS A 147 -1.61 3.56 6.18
C LYS A 147 -3.08 3.82 5.92
N PHE A 148 -3.92 2.83 6.24
CA PHE A 148 -5.36 2.93 6.09
C PHE A 148 -6.02 2.74 7.46
N HIS A 149 -7.02 3.58 7.75
CA HIS A 149 -7.87 3.40 8.93
C HIS A 149 -9.30 3.27 8.45
N TYR A 150 -10.09 2.42 9.13
CA TYR A 150 -11.43 2.09 8.66
C TYR A 150 -12.47 2.30 9.75
N LEU A 151 -13.62 2.87 9.37
CA LEU A 151 -14.76 3.06 10.28
C LEU A 151 -16.07 2.69 9.60
N PRO A 152 -16.62 1.51 9.89
CA PRO A 152 -17.95 1.18 9.35
C PRO A 152 -19.00 2.07 9.98
N PHE A 153 -20.02 2.42 9.21
CA PHE A 153 -20.97 3.39 9.75
C PHE A 153 -22.29 3.30 9.00
N LEU A 154 -23.33 3.88 9.61
CA LEU A 154 -24.65 4.01 8.99
C LEU A 154 -24.84 5.45 8.54
N PRO A 155 -24.94 5.71 7.24
CA PRO A 155 -25.04 7.09 6.77
C PRO A 155 -26.35 7.73 7.21
N SER A 156 -26.22 8.89 7.87
CA SER A 156 -27.34 9.70 8.28
C SER A 156 -27.11 11.13 7.83
N THR A 157 -28.19 11.91 7.79
CA THR A 157 -28.02 13.34 7.60
C THR A 157 -27.65 14.04 8.90
N GLU A 158 -27.73 13.34 10.04
CA GLU A 158 -27.40 13.92 11.33
C GLU A 158 -25.89 14.02 11.56
N ASP A 159 -25.13 12.99 11.18
CA ASP A 159 -23.76 12.83 11.65
C ASP A 159 -22.74 13.40 10.67
N VAL A 160 -21.75 14.09 11.21
CA VAL A 160 -20.56 14.49 10.50
C VAL A 160 -19.37 13.69 11.05
N TYR A 161 -18.39 13.43 10.19
CA TYR A 161 -17.22 12.66 10.57
C TYR A 161 -15.96 13.43 10.19
N ASP A 162 -14.90 13.20 10.96
CA ASP A 162 -13.57 13.70 10.65
C ASP A 162 -12.55 12.64 11.01
N CYS A 163 -11.51 12.53 10.18
CA CYS A 163 -10.34 11.74 10.50
C CYS A 163 -9.25 12.69 10.97
N ARG A 164 -8.78 12.50 12.19
CA ARG A 164 -7.75 13.37 12.74
C ARG A 164 -6.42 12.63 12.78
N VAL A 165 -5.40 13.23 12.18
CA VAL A 165 -4.09 12.60 12.08
C VAL A 165 -3.08 13.52 12.74
N GLU A 166 -2.26 12.96 13.65
CA GLU A 166 -1.16 13.68 14.27
C GLU A 166 0.15 13.02 13.90
N HIS A 167 1.16 13.84 13.62
CA HIS A 167 2.44 13.33 13.18
C HIS A 167 3.50 14.37 13.52
N TRP A 168 4.70 13.92 13.87
CA TRP A 168 5.74 14.87 14.27
C TRP A 168 6.09 15.86 13.17
N GLY A 169 5.68 15.61 11.93
CA GLY A 169 5.91 16.57 10.87
C GLY A 169 4.87 17.66 10.74
N LEU A 170 3.75 17.56 11.47
CA LEU A 170 2.66 18.53 11.41
C LEU A 170 2.74 19.49 12.59
N ASP A 171 2.49 20.77 12.34
CA ASP A 171 2.47 21.73 13.43
C ASP A 171 1.22 21.61 14.27
N GLU A 172 0.15 21.06 13.73
CA GLU A 172 -1.08 20.83 14.46
C GLU A 172 -1.80 19.66 13.78
N PRO A 173 -2.75 19.04 14.46
CA PRO A 173 -3.39 17.85 13.88
C PRO A 173 -4.07 18.19 12.56
N LEU A 174 -4.04 17.22 11.65
CA LEU A 174 -4.72 17.32 10.37
C LEU A 174 -6.09 16.68 10.54
N LEU A 175 -7.14 17.43 10.21
CA LEU A 175 -8.49 16.89 10.21
C LEU A 175 -9.01 16.89 8.79
N LYS A 176 -9.57 15.77 8.39
CA LYS A 176 -10.19 15.64 7.09
C LYS A 176 -11.64 15.23 7.30
N HIS A 177 -12.55 15.88 6.60
CA HIS A 177 -13.97 15.89 6.92
C HIS A 177 -14.76 15.03 5.93
N TRP A 178 -15.89 14.52 6.40
CA TRP A 178 -16.87 13.87 5.53
C TRP A 178 -18.25 14.03 6.14
N GLU A 179 -19.24 14.32 5.28
CA GLU A 179 -20.64 14.28 5.68
C GLU A 179 -21.51 14.04 4.46
N PHE A 180 -22.69 13.48 4.70
CA PHE A 180 -23.58 12.98 3.65
C PHE A 180 -23.77 13.92 2.44
N ASP B 4 6.49 13.65 21.42
CA ASP B 4 7.90 13.38 21.69
C ASP B 4 8.80 14.04 20.62
N THR B 5 9.84 14.71 21.08
CA THR B 5 10.69 15.50 20.21
C THR B 5 12.09 14.91 20.03
N ARG B 6 12.42 13.81 20.71
CA ARG B 6 13.69 13.16 20.52
C ARG B 6 13.90 12.78 19.05
N PRO B 7 15.13 12.86 18.53
CA PRO B 7 15.39 12.45 17.15
C PRO B 7 15.12 10.97 16.92
N ARG B 8 14.65 10.65 15.72
CA ARG B 8 14.36 9.29 15.31
C ARG B 8 15.40 8.78 14.32
N PHE B 9 15.55 7.45 14.26
CA PHE B 9 16.49 6.79 13.36
C PHE B 9 15.85 5.51 12.83
N LEU B 10 15.88 5.32 11.52
CA LEU B 10 15.10 4.27 10.88
C LEU B 10 16.01 3.44 9.99
N GLU B 11 15.93 2.13 10.15
CA GLU B 11 16.54 1.16 9.25
C GLU B 11 15.43 0.47 8.49
N GLN B 12 15.62 0.30 7.19
CA GLN B 12 14.66 -0.40 6.36
C GLN B 12 15.41 -1.38 5.48
N VAL B 13 14.77 -2.51 5.23
CA VAL B 13 15.30 -3.50 4.31
C VAL B 13 14.14 -3.95 3.43
N LYS B 14 14.39 -4.05 2.14
CA LYS B 14 13.39 -4.53 1.20
C LYS B 14 14.03 -5.57 0.31
N HIS B 15 13.55 -6.79 0.42
CA HIS B 15 14.00 -7.87 -0.45
C HIS B 15 12.96 -7.97 -1.56
N GLU B 16 13.33 -7.56 -2.78
CA GLU B 16 12.36 -7.41 -3.86
C GLU B 16 12.53 -8.48 -4.93
N CYS B 17 11.42 -9.09 -5.32
CA CYS B 17 11.35 -10.02 -6.46
C CYS B 17 10.53 -9.38 -7.57
N HIS B 18 11.13 -9.21 -8.75
CA HIS B 18 10.47 -8.60 -9.89
C HIS B 18 10.25 -9.64 -10.98
N PHE B 19 9.01 -9.74 -11.47
CA PHE B 19 8.60 -10.80 -12.38
C PHE B 19 8.13 -10.19 -13.70
N PHE B 20 8.67 -10.71 -14.79
CA PHE B 20 8.30 -10.30 -16.15
C PHE B 20 7.87 -11.55 -16.91
N ASN B 21 6.67 -11.52 -17.49
CA ASN B 21 6.08 -12.67 -18.18
C ASN B 21 6.09 -13.91 -17.29
N GLY B 22 5.31 -13.84 -16.22
CA GLY B 22 5.28 -14.93 -15.26
C GLY B 22 6.61 -15.07 -14.57
N THR B 23 7.21 -16.25 -14.63
CA THR B 23 8.55 -16.47 -14.11
C THR B 23 9.58 -16.67 -15.20
N GLU B 24 9.30 -16.18 -16.42
CA GLU B 24 10.30 -16.28 -17.48
C GLU B 24 11.52 -15.45 -17.15
N ARG B 25 11.33 -14.19 -16.78
CA ARG B 25 12.42 -13.29 -16.40
C ARG B 25 12.14 -12.80 -14.98
N VAL B 26 13.08 -13.06 -14.08
CA VAL B 26 12.95 -12.69 -12.67
C VAL B 26 14.19 -11.91 -12.27
N ARG B 27 13.99 -10.85 -11.48
CA ARG B 27 15.09 -10.03 -10.98
C ARG B 27 14.93 -9.77 -9.49
N PHE B 28 15.98 -10.03 -8.73
CA PHE B 28 16.00 -9.91 -7.27
C PHE B 28 16.89 -8.75 -6.87
N LEU B 29 16.39 -7.93 -5.95
CA LEU B 29 17.10 -6.78 -5.41
C LEU B 29 17.02 -6.90 -3.89
N ASP B 30 18.19 -6.98 -3.25
CA ASP B 30 18.32 -6.98 -1.79
C ASP B 30 18.75 -5.57 -1.41
N ARG B 31 17.83 -4.78 -0.86
CA ARG B 31 18.02 -3.34 -0.72
C ARG B 31 18.00 -2.93 0.75
N TYR B 32 18.99 -2.13 1.14
CA TYR B 32 19.14 -1.68 2.52
C TYR B 32 19.06 -0.16 2.57
N PHE B 33 18.33 0.36 3.57
CA PHE B 33 18.07 1.80 3.69
C PHE B 33 18.36 2.29 5.10
N TYR B 34 18.94 3.48 5.18
CA TYR B 34 19.02 4.28 6.39
C TYR B 34 18.14 5.51 6.18
N HIS B 35 17.07 5.64 6.98
CA HIS B 35 15.92 6.51 6.72
C HIS B 35 15.35 6.21 5.32
N GLN B 36 15.51 7.11 4.35
CA GLN B 36 15.08 6.83 2.99
C GLN B 36 16.23 6.48 2.06
N GLU B 37 17.45 6.60 2.52
CA GLU B 37 18.62 6.57 1.66
C GLU B 37 19.09 5.12 1.50
N GLU B 38 18.90 4.57 0.31
CA GLU B 38 19.44 3.25 0.01
C GLU B 38 20.96 3.34 -0.03
N TYR B 39 21.64 2.60 0.85
CA TYR B 39 23.09 2.67 0.90
C TYR B 39 23.80 1.47 0.29
N VAL B 40 23.16 0.31 0.19
CA VAL B 40 23.81 -0.86 -0.40
C VAL B 40 22.75 -1.74 -1.03
N ARG B 41 23.12 -2.46 -2.08
CA ARG B 41 22.15 -3.25 -2.84
C ARG B 41 22.82 -4.48 -3.44
N PHE B 42 22.17 -5.64 -3.32
CA PHE B 42 22.50 -6.81 -4.14
C PHE B 42 21.53 -6.86 -5.32
N ASP B 43 22.06 -6.86 -6.53
CA ASP B 43 21.27 -6.94 -7.76
C ASP B 43 21.60 -8.26 -8.43
N SER B 44 20.57 -9.07 -8.70
CA SER B 44 20.81 -10.38 -9.32
C SER B 44 21.37 -10.26 -10.73
N ASP B 45 21.24 -9.10 -11.37
CA ASP B 45 21.94 -8.85 -12.63
C ASP B 45 23.45 -8.71 -12.43
N VAL B 46 23.91 -8.41 -11.22
CA VAL B 46 25.32 -8.17 -10.95
C VAL B 46 25.95 -9.33 -10.21
N GLY B 47 25.26 -9.87 -9.20
CA GLY B 47 25.76 -11.00 -8.46
C GLY B 47 26.66 -10.66 -7.31
N GLU B 48 26.72 -9.38 -6.94
CA GLU B 48 27.46 -8.92 -5.76
C GLU B 48 26.73 -7.72 -5.20
N TYR B 49 26.98 -7.45 -3.93
CA TYR B 49 26.52 -6.19 -3.35
C TYR B 49 27.36 -5.06 -3.89
N ARG B 50 26.71 -3.91 -4.15
CA ARG B 50 27.38 -2.69 -4.56
C ARG B 50 26.90 -1.55 -3.69
N ALA B 51 27.83 -0.73 -3.23
CA ALA B 51 27.46 0.47 -2.47
C ALA B 51 26.63 1.39 -3.37
N VAL B 52 25.56 1.95 -2.81
CA VAL B 52 24.74 2.90 -3.57
C VAL B 52 25.20 4.30 -3.20
N THR B 53 25.63 4.46 -1.94
CA THR B 53 26.18 5.70 -1.42
C THR B 53 27.39 5.36 -0.59
N GLU B 54 28.13 6.41 -0.22
CA GLU B 54 29.33 6.27 0.60
C GLU B 54 29.05 5.47 1.87
N LEU B 55 27.94 5.76 2.52
CA LEU B 55 27.53 5.09 3.76
C LEU B 55 27.49 3.57 3.63
N GLY B 56 27.28 3.05 2.42
CA GLY B 56 27.18 1.63 2.20
C GLY B 56 28.43 0.92 1.74
N ARG B 57 29.55 1.63 1.52
CA ARG B 57 30.80 0.95 1.14
C ARG B 57 31.22 -0.11 2.14
N PRO B 58 31.32 0.15 3.45
CA PRO B 58 31.75 -0.93 4.37
C PRO B 58 30.85 -2.15 4.29
N SER B 59 29.54 -1.95 4.09
CA SER B 59 28.62 -3.07 4.00
C SER B 59 28.93 -3.96 2.81
N ALA B 60 29.12 -3.35 1.64
CA ALA B 60 29.40 -4.12 0.42
C ALA B 60 30.65 -4.98 0.58
N GLU B 61 31.77 -4.37 1.01
CA GLU B 61 33.03 -5.09 1.21
C GLU B 61 32.86 -6.23 2.20
N TYR B 62 32.15 -5.99 3.30
CA TYR B 62 31.97 -7.02 4.30
C TYR B 62 31.19 -8.21 3.74
N TRP B 63 30.05 -7.94 3.11
CA TRP B 63 29.23 -9.05 2.66
C TRP B 63 29.79 -9.73 1.42
N ASN B 64 30.48 -8.97 0.57
CA ASN B 64 31.14 -9.58 -0.59
C ASN B 64 32.31 -10.46 -0.20
N SER B 65 32.85 -10.31 1.02
CA SER B 65 33.89 -11.23 1.47
C SER B 65 33.32 -12.56 1.95
N GLN B 66 32.00 -12.71 2.02
CA GLN B 66 31.35 -13.93 2.54
C GLN B 66 30.76 -14.73 1.39
N LYS B 67 31.56 -15.67 0.85
CA LYS B 67 31.16 -16.40 -0.35
C LYS B 67 29.83 -17.14 -0.15
N ASP B 68 29.61 -17.70 1.04
CA ASP B 68 28.38 -18.44 1.30
C ASP B 68 27.16 -17.52 1.24
N LEU B 69 27.29 -16.32 1.81
CA LEU B 69 26.22 -15.33 1.70
C LEU B 69 25.92 -15.02 0.24
N LEU B 70 26.95 -14.66 -0.52
CA LEU B 70 26.77 -14.34 -1.94
C LEU B 70 26.10 -15.47 -2.72
N GLU B 71 26.47 -16.72 -2.45
CA GLU B 71 25.84 -17.81 -3.18
C GLU B 71 24.38 -18.02 -2.77
N GLN B 72 24.01 -17.70 -1.53
CA GLN B 72 22.60 -17.63 -1.18
C GLN B 72 21.87 -16.62 -2.07
N ARG B 73 22.40 -15.39 -2.14
CA ARG B 73 21.75 -14.34 -2.91
C ARG B 73 21.71 -14.65 -4.40
N ARG B 74 22.70 -15.36 -4.93
CA ARG B 74 22.68 -15.65 -6.36
C ARG B 74 21.62 -16.69 -6.74
N ALA B 75 21.22 -17.54 -5.80
CA ALA B 75 20.15 -18.49 -6.06
C ALA B 75 18.78 -17.95 -5.72
N ALA B 76 18.71 -16.73 -5.15
CA ALA B 76 17.45 -16.17 -4.66
C ALA B 76 16.37 -16.17 -5.73
N VAL B 77 16.71 -15.82 -6.97
CA VAL B 77 15.68 -15.80 -8.02
C VAL B 77 14.98 -17.15 -8.11
N ASP B 78 15.69 -18.23 -7.80
CA ASP B 78 15.08 -19.54 -7.81
C ASP B 78 14.47 -19.94 -6.48
N THR B 79 15.26 -19.88 -5.39
CA THR B 79 14.81 -20.46 -4.13
C THR B 79 13.89 -19.53 -3.34
N TYR B 80 13.87 -18.25 -3.71
CA TYR B 80 13.09 -17.25 -2.99
C TYR B 80 12.01 -16.68 -3.89
N CYS B 81 12.38 -16.01 -4.97
CA CYS B 81 11.43 -15.31 -5.83
C CYS B 81 10.48 -16.28 -6.52
N ARG B 82 11.03 -17.15 -7.40
CA ARG B 82 10.20 -18.11 -8.10
C ARG B 82 9.42 -18.98 -7.12
N HIS B 83 10.06 -19.33 -5.99
CA HIS B 83 9.37 -20.16 -5.00
C HIS B 83 8.12 -19.46 -4.48
N ASN B 84 8.29 -18.24 -3.95
CA ASN B 84 7.14 -17.57 -3.34
C ASN B 84 6.09 -17.20 -4.39
N TYR B 85 6.52 -16.91 -5.61
CA TYR B 85 5.57 -16.73 -6.71
C TYR B 85 4.65 -17.94 -6.82
N GLY B 86 5.22 -19.14 -6.76
CA GLY B 86 4.40 -20.34 -6.88
C GLY B 86 3.47 -20.53 -5.71
N VAL B 87 3.93 -20.21 -4.50
CA VAL B 87 3.12 -20.41 -3.31
C VAL B 87 1.90 -19.48 -3.33
N GLY B 88 2.07 -18.26 -3.83
CA GLY B 88 1.02 -17.27 -3.71
C GLY B 88 0.27 -16.94 -4.99
N GLU B 89 0.71 -17.53 -6.10
CA GLU B 89 0.18 -17.16 -7.40
C GLU B 89 -1.33 -17.20 -7.47
N SER B 90 -1.97 -18.14 -6.76
CA SER B 90 -3.39 -18.38 -6.97
C SER B 90 -4.25 -17.28 -6.37
N PHE B 91 -3.83 -16.70 -5.24
CA PHE B 91 -4.59 -15.67 -4.57
C PHE B 91 -4.01 -14.28 -4.78
N THR B 92 -2.97 -14.14 -5.60
CA THR B 92 -2.39 -12.82 -5.89
C THR B 92 -2.36 -12.51 -7.38
N VAL B 93 -1.52 -13.23 -8.14
CA VAL B 93 -1.43 -13.01 -9.58
C VAL B 93 -2.75 -13.32 -10.28
N GLN B 94 -3.50 -14.30 -9.79
CA GLN B 94 -4.73 -14.78 -10.41
C GLN B 94 -5.99 -14.20 -9.76
N ARG B 95 -5.83 -13.31 -8.79
CA ARG B 95 -6.96 -12.68 -8.15
C ARG B 95 -7.71 -11.81 -9.15
N ARG B 96 -9.02 -12.03 -9.25
CA ARG B 96 -9.90 -11.26 -10.13
C ARG B 96 -11.16 -10.95 -9.36
N VAL B 97 -11.46 -9.65 -9.24
CA VAL B 97 -12.65 -9.18 -8.56
C VAL B 97 -13.27 -8.14 -9.47
N TYR B 98 -14.50 -8.38 -9.89
CA TYR B 98 -14.99 -7.49 -10.94
C TYR B 98 -15.63 -6.25 -10.33
N PRO B 99 -15.72 -5.17 -11.10
CA PRO B 99 -16.22 -3.91 -10.55
C PRO B 99 -17.73 -3.85 -10.40
N GLU B 100 -18.16 -3.17 -9.35
CA GLU B 100 -19.55 -2.74 -9.23
C GLU B 100 -19.62 -1.31 -9.77
N VAL B 101 -20.57 -1.07 -10.68
CA VAL B 101 -20.64 0.21 -11.38
C VAL B 101 -21.97 0.89 -11.04
N THR B 102 -21.88 2.10 -10.49
CA THR B 102 -22.99 2.97 -10.16
C THR B 102 -22.87 4.25 -10.98
N VAL B 103 -23.99 4.77 -11.44
CA VAL B 103 -24.04 6.09 -12.05
C VAL B 103 -25.02 6.94 -11.26
N TYR B 104 -24.57 8.11 -10.82
CA TYR B 104 -25.46 9.03 -10.15
C TYR B 104 -25.15 10.46 -10.59
N PRO B 105 -26.15 11.33 -10.61
CA PRO B 105 -25.91 12.72 -11.01
C PRO B 105 -25.41 13.55 -9.84
N ALA B 106 -24.85 14.71 -10.17
CA ALA B 106 -24.28 15.61 -9.18
C ALA B 106 -24.25 17.01 -9.77
N LYS B 107 -23.87 17.98 -8.95
CA LYS B 107 -23.87 19.38 -9.33
C LYS B 107 -22.52 20.01 -9.02
N THR B 108 -21.89 20.60 -10.03
CA THR B 108 -20.66 21.36 -9.81
C THR B 108 -20.94 22.66 -9.05
N GLN B 109 -22.14 23.22 -9.18
CA GLN B 109 -22.54 24.45 -8.47
C GLN B 109 -24.02 24.35 -8.11
N PRO B 110 -24.38 24.50 -6.83
CA PRO B 110 -25.77 24.53 -6.38
C PRO B 110 -26.65 25.51 -7.18
N HIS B 114 -28.46 19.18 -12.02
CA HIS B 114 -27.28 18.31 -12.13
C HIS B 114 -26.52 18.59 -13.43
N ASN B 115 -25.25 18.95 -13.32
CA ASN B 115 -24.41 19.18 -14.49
C ASN B 115 -23.16 18.30 -14.45
N LEU B 116 -23.25 17.16 -13.75
CA LEU B 116 -22.11 16.29 -13.51
C LEU B 116 -22.66 14.88 -13.39
N LEU B 117 -22.14 13.96 -14.18
CA LEU B 117 -22.55 12.56 -14.09
C LEU B 117 -21.38 11.75 -13.53
N VAL B 118 -21.61 11.10 -12.39
CA VAL B 118 -20.56 10.36 -11.71
C VAL B 118 -20.71 8.89 -12.05
N CYS B 119 -19.67 8.30 -12.62
CA CYS B 119 -19.57 6.86 -12.80
C CYS B 119 -18.65 6.30 -11.72
N SER B 120 -19.25 5.73 -10.66
CA SER B 120 -18.50 5.17 -9.55
C SER B 120 -18.21 3.71 -9.84
N VAL B 121 -16.93 3.34 -9.87
CA VAL B 121 -16.46 1.99 -10.17
C VAL B 121 -15.75 1.47 -8.92
N ASN B 122 -16.36 0.48 -8.25
CA ASN B 122 -15.96 0.10 -6.91
C ASN B 122 -15.66 -1.37 -6.78
N GLY B 123 -14.67 -1.69 -5.96
CA GLY B 123 -14.44 -3.04 -5.48
C GLY B 123 -13.62 -3.95 -6.38
N PHE B 124 -12.97 -3.42 -7.42
CA PHE B 124 -12.32 -4.29 -8.38
C PHE B 124 -10.87 -4.55 -8.01
N TYR B 125 -10.37 -5.69 -8.50
CA TYR B 125 -8.95 -6.07 -8.46
C TYR B 125 -8.64 -6.90 -9.70
N PRO B 126 -7.51 -6.64 -10.37
CA PRO B 126 -6.46 -5.68 -10.03
C PRO B 126 -6.74 -4.28 -10.54
N GLY B 127 -5.69 -3.46 -10.59
CA GLY B 127 -5.89 -2.03 -10.71
C GLY B 127 -6.18 -1.53 -12.11
N SER B 128 -5.70 -2.21 -13.13
CA SER B 128 -5.79 -1.66 -14.47
C SER B 128 -7.25 -1.65 -14.92
N ILE B 129 -7.72 -0.49 -15.37
CA ILE B 129 -9.13 -0.32 -15.69
C ILE B 129 -9.25 0.79 -16.72
N GLU B 130 -10.23 0.67 -17.60
CA GLU B 130 -10.56 1.70 -18.58
C GLU B 130 -12.03 2.06 -18.41
N VAL B 131 -12.30 3.36 -18.24
CA VAL B 131 -13.65 3.87 -18.06
C VAL B 131 -13.91 4.97 -19.10
N ARG B 132 -14.98 4.81 -19.88
CA ARG B 132 -15.32 5.73 -20.95
C ARG B 132 -16.77 6.19 -20.80
N TRP B 133 -17.03 7.40 -21.29
CA TRP B 133 -18.35 8.02 -21.22
C TRP B 133 -18.95 8.12 -22.62
N PHE B 134 -20.21 7.74 -22.75
CA PHE B 134 -20.92 7.85 -24.01
C PHE B 134 -22.20 8.68 -23.85
N ARG B 135 -22.50 9.47 -24.88
CA ARG B 135 -23.72 10.24 -24.98
C ARG B 135 -24.45 9.85 -26.26
N ASN B 136 -25.62 9.25 -26.12
CA ASN B 136 -26.39 8.75 -27.26
C ASN B 136 -25.47 7.99 -28.22
N GLY B 137 -24.74 7.01 -27.68
CA GLY B 137 -23.88 6.16 -28.47
C GLY B 137 -22.62 6.80 -29.02
N GLN B 138 -22.34 8.06 -28.70
CA GLN B 138 -21.10 8.71 -29.10
C GLN B 138 -20.20 8.88 -27.88
N GLU B 139 -18.92 8.55 -28.03
CA GLU B 139 -18.00 8.72 -26.92
C GLU B 139 -17.81 10.21 -26.64
N GLU B 140 -17.83 10.55 -25.36
CA GLU B 140 -17.64 11.92 -24.89
C GLU B 140 -16.28 11.97 -24.19
N LYS B 141 -15.29 12.56 -24.86
CA LYS B 141 -13.96 12.63 -24.28
C LYS B 141 -13.64 13.99 -23.65
N THR B 142 -14.37 15.04 -24.01
CA THR B 142 -14.13 16.34 -23.37
C THR B 142 -14.92 16.43 -22.08
N GLY B 143 -14.33 17.10 -21.09
CA GLY B 143 -15.04 17.33 -19.84
C GLY B 143 -15.06 16.18 -18.86
N VAL B 144 -14.09 15.27 -18.92
CA VAL B 144 -14.00 14.13 -18.00
C VAL B 144 -12.88 14.40 -16.98
N VAL B 145 -13.22 14.31 -15.70
CA VAL B 145 -12.29 14.39 -14.59
C VAL B 145 -12.44 13.12 -13.80
N SER B 146 -11.38 12.69 -13.12
CA SER B 146 -11.46 11.47 -12.32
C SER B 146 -10.64 11.60 -11.06
N THR B 147 -11.00 10.81 -10.05
CA THR B 147 -10.16 10.69 -8.88
C THR B 147 -8.81 10.09 -9.20
N GLY B 148 -8.69 9.41 -10.36
CA GLY B 148 -7.60 8.48 -10.60
C GLY B 148 -7.88 7.15 -9.90
N LEU B 149 -6.87 6.29 -9.91
CA LEU B 149 -6.99 4.99 -9.26
C LEU B 149 -6.78 5.13 -7.76
N ILE B 150 -7.70 4.56 -6.99
CA ILE B 150 -7.67 4.65 -5.54
C ILE B 150 -7.54 3.25 -4.94
N GLN B 151 -6.53 3.04 -4.12
CA GLN B 151 -6.35 1.81 -3.39
C GLN B 151 -7.16 1.88 -2.11
N ASN B 152 -7.99 0.87 -1.87
CA ASN B 152 -8.72 0.84 -0.62
C ASN B 152 -7.94 0.17 0.51
N GLY B 153 -6.81 -0.45 0.23
CA GLY B 153 -5.99 -1.11 1.23
C GLY B 153 -6.44 -2.50 1.63
N ASP B 154 -7.54 -3.00 1.04
CA ASP B 154 -8.10 -4.31 1.35
C ASP B 154 -8.14 -5.20 0.12
N TRP B 155 -7.22 -4.94 -0.81
CA TRP B 155 -7.09 -5.69 -2.05
C TRP B 155 -8.25 -5.43 -3.01
N THR B 156 -8.83 -4.22 -2.93
CA THR B 156 -9.75 -3.71 -3.92
C THR B 156 -9.36 -2.28 -4.28
N PHE B 157 -9.80 -1.86 -5.46
CA PHE B 157 -9.64 -0.50 -5.95
C PHE B 157 -11.01 0.13 -6.16
N GLN B 158 -11.01 1.45 -6.30
CA GLN B 158 -12.16 2.17 -6.81
C GLN B 158 -11.67 3.37 -7.61
N THR B 159 -12.58 3.92 -8.40
CA THR B 159 -12.29 5.13 -9.14
C THR B 159 -13.63 5.78 -9.46
N LEU B 160 -13.67 7.11 -9.36
CA LEU B 160 -14.82 7.88 -9.80
C LEU B 160 -14.44 8.61 -11.08
N VAL B 161 -15.32 8.56 -12.06
CA VAL B 161 -15.07 9.19 -13.35
C VAL B 161 -16.28 10.07 -13.65
N MET B 162 -16.04 11.37 -13.70
CA MET B 162 -17.10 12.36 -13.75
C MET B 162 -17.13 13.05 -15.10
N LEU B 163 -18.32 13.08 -15.69
CA LEU B 163 -18.57 13.78 -16.95
C LEU B 163 -19.27 15.11 -16.67
N GLU B 164 -18.66 16.21 -17.08
CA GLU B 164 -19.32 17.51 -17.09
C GLU B 164 -20.20 17.60 -18.34
N THR B 165 -21.48 17.88 -18.14
CA THR B 165 -22.42 17.90 -19.26
C THR B 165 -23.70 18.58 -18.82
N VAL B 166 -24.43 19.10 -19.80
CA VAL B 166 -25.77 19.66 -19.60
C VAL B 166 -26.75 18.70 -20.27
N PRO B 167 -27.39 17.82 -19.51
CA PRO B 167 -28.30 16.84 -20.12
C PRO B 167 -29.56 17.51 -20.64
N ARG B 168 -29.90 17.20 -21.88
CA ARG B 168 -31.20 17.51 -22.45
C ARG B 168 -32.09 16.27 -22.36
N SER B 169 -33.39 16.49 -22.24
CA SER B 169 -34.32 15.37 -22.13
C SER B 169 -34.28 14.52 -23.38
N GLY B 170 -34.51 13.23 -23.21
CA GLY B 170 -34.36 12.31 -24.32
C GLY B 170 -32.91 12.03 -24.68
N GLU B 171 -32.01 12.09 -23.71
CA GLU B 171 -30.62 11.69 -23.90
C GLU B 171 -30.31 10.53 -22.98
N VAL B 172 -29.60 9.54 -23.51
CA VAL B 172 -29.11 8.42 -22.72
C VAL B 172 -27.58 8.54 -22.63
N TYR B 173 -27.07 8.58 -21.41
CA TYR B 173 -25.64 8.55 -21.17
C TYR B 173 -25.24 7.14 -20.75
N THR B 174 -24.06 6.72 -21.18
CA THR B 174 -23.56 5.39 -20.86
C THR B 174 -22.13 5.47 -20.33
N CYS B 175 -21.92 4.93 -19.15
CA CYS B 175 -20.57 4.69 -18.62
C CYS B 175 -20.15 3.26 -18.97
N GLN B 176 -19.01 3.10 -19.63
CA GLN B 176 -18.50 1.80 -20.05
C GLN B 176 -17.20 1.46 -19.33
N VAL B 177 -17.11 0.24 -18.81
CA VAL B 177 -16.01 -0.18 -17.95
C VAL B 177 -15.37 -1.42 -18.54
N GLU B 178 -14.06 -1.37 -18.76
CA GLU B 178 -13.26 -2.50 -19.19
C GLU B 178 -12.25 -2.86 -18.10
N HIS B 179 -12.00 -4.14 -17.93
CA HIS B 179 -11.20 -4.59 -16.80
C HIS B 179 -10.87 -6.05 -16.98
N PRO B 180 -9.70 -6.51 -16.52
CA PRO B 180 -9.31 -7.90 -16.80
C PRO B 180 -10.25 -8.95 -16.21
N SER B 181 -11.06 -8.59 -15.22
CA SER B 181 -12.02 -9.56 -14.69
C SER B 181 -13.20 -9.74 -15.62
N LEU B 182 -13.33 -8.89 -16.64
CA LEU B 182 -14.46 -8.92 -17.55
C LEU B 182 -14.04 -9.48 -18.89
N THR B 183 -14.95 -10.22 -19.51
CA THR B 183 -14.70 -10.69 -20.87
C THR B 183 -15.32 -9.79 -21.93
N SER B 184 -16.28 -8.95 -21.57
CA SER B 184 -16.81 -7.94 -22.46
C SER B 184 -17.18 -6.70 -21.66
N PRO B 185 -17.12 -5.51 -22.27
CA PRO B 185 -17.28 -4.27 -21.50
C PRO B 185 -18.57 -4.23 -20.71
N LEU B 186 -18.47 -3.69 -19.49
CA LEU B 186 -19.60 -3.46 -18.62
C LEU B 186 -20.15 -2.05 -18.83
N THR B 187 -21.45 -1.93 -19.09
CA THR B 187 -22.08 -0.64 -19.41
C THR B 187 -23.30 -0.38 -18.54
N VAL B 188 -23.36 0.85 -18.01
CA VAL B 188 -24.49 1.31 -17.21
C VAL B 188 -25.02 2.59 -17.84
N GLU B 189 -26.34 2.71 -17.91
CA GLU B 189 -26.98 3.85 -18.53
C GLU B 189 -27.56 4.78 -17.48
N TRP B 190 -27.67 6.05 -17.86
CA TRP B 190 -28.42 7.05 -17.11
C TRP B 190 -29.23 7.86 -18.11
N ARG B 191 -30.52 8.07 -17.82
CA ARG B 191 -31.41 8.80 -18.72
C ARG B 191 -31.90 10.08 -18.05
N ALA B 192 -32.09 11.12 -18.87
CA ALA B 192 -32.58 12.40 -18.39
C ALA B 192 -34.05 12.58 -18.70
N SER C 1 3.30 -24.28 -0.38
CA SER C 1 2.42 -24.01 0.73
C SER C 1 3.06 -23.04 1.71
N SER C 2 4.39 -23.04 1.78
CA SER C 2 5.15 -22.27 2.75
C SER C 2 5.85 -21.11 2.04
N LEU C 3 5.61 -19.88 2.49
CA LEU C 3 6.35 -18.73 1.99
C LEU C 3 7.69 -18.66 2.71
N ASN C 4 8.77 -18.47 1.95
CA ASN C 4 10.13 -18.46 2.47
C ASN C 4 10.58 -17.05 2.79
N LEU C 5 11.35 -16.88 3.85
CA LEU C 5 11.97 -15.57 4.05
C LEU C 5 13.38 -15.56 3.45
C CIR C 6 15.69 -13.26 3.94
O CIR C 6 15.12 -12.45 4.71
CA CIR C 6 14.93 -14.00 2.89
N CIR C 6 13.60 -14.29 3.36
C3 CIR C 6 14.85 -13.21 1.62
C4 CIR C 6 16.14 -12.45 1.42
C5 CIR C 6 17.07 -13.15 0.45
N6 CIR C 6 16.75 -14.56 0.23
C7 CIR C 6 17.74 -15.44 -0.34
O7 CIR C 6 18.86 -15.06 -0.65
N8 CIR C 6 17.42 -16.82 -0.55
N GLU C 7 16.68 -13.90 4.62
CA GLU C 7 17.51 -13.51 5.75
C GLU C 7 18.16 -12.16 5.53
N THR C 8 18.18 -11.37 6.58
CA THR C 8 18.82 -10.06 6.60
C THR C 8 20.24 -10.22 7.14
N ASN C 9 21.20 -9.53 6.52
CA ASN C 9 22.62 -9.67 6.82
C ASN C 9 23.03 -8.76 7.98
N LEU C 10 23.76 -9.32 8.94
CA LEU C 10 24.40 -8.50 9.96
C LEU C 10 25.58 -7.75 9.34
N ASP C 11 25.61 -6.43 9.53
CA ASP C 11 26.63 -5.55 8.97
C ASP C 11 27.85 -5.55 9.91
N SER C 12 28.86 -4.75 9.58
CA SER C 12 30.05 -4.66 10.42
C SER C 12 30.27 -3.23 10.91
N LEU C 13 30.82 -3.10 12.11
CA LEU C 13 31.34 -1.80 12.54
C LEU C 13 32.52 -1.36 11.67
C1 NAG D . 31.10 11.12 10.07
C2 NAG D . 30.97 11.85 8.74
C3 NAG D . 32.26 11.61 7.96
C4 NAG D . 33.46 12.10 8.76
C5 NAG D . 33.47 11.47 10.14
C6 NAG D . 34.53 12.04 11.05
C7 NAG D . 28.66 11.99 7.92
C8 NAG D . 27.62 11.37 7.03
N2 NAG D . 29.83 11.34 8.00
O3 NAG D . 32.20 12.29 6.71
O4 NAG D . 34.67 11.77 8.08
O5 NAG D . 32.20 11.68 10.78
O6 NAG D . 34.54 11.39 12.32
O7 NAG D . 28.45 13.03 8.55
C1 NAG E . 0.62 10.13 20.22
C2 NAG E . 1.83 10.98 19.88
C3 NAG E . 2.86 10.76 20.99
C4 NAG E . 2.26 11.14 22.34
C5 NAG E . 0.95 10.38 22.57
C6 NAG E . 0.21 10.84 23.80
C7 NAG E . 2.50 11.41 17.56
C8 NAG E . 3.21 10.87 16.36
N2 NAG E . 2.39 10.58 18.60
O3 NAG E . 4.02 11.55 20.74
O4 NAG E . 3.17 10.82 23.39
O5 NAG E . 0.07 10.59 21.46
O6 NAG E . -1.03 10.16 23.95
O7 NAG E . 2.05 12.56 17.59
#